data_8DX0
#
_entry.id   8DX0
#
_cell.length_a   62.700
_cell.length_b   40.230
_cell.length_c   64.710
_cell.angle_alpha   90.000
_cell.angle_beta   91.640
_cell.angle_gamma   90.000
#
_symmetry.space_group_name_H-M   'P 1 21 1'
#
loop_
_entity.id
_entity.type
_entity.pdbx_description
1 polymer 'Histidine kinase'
2 non-polymer 'MAGNESIUM ION'
3 water water
#
_entity_poly.entity_id   1
_entity_poly.type   'polypeptide(L)'
_entity_poly.pdbx_seq_one_letter_code
;LQTETTDLSLMLEQLTFEFLPLLEEKNLNWQLNLQKNVLATVDTEKIARVFDNLIRNAINYSYPDSPLLLELVESDSIHI
RLTNRGKTIPEEMIGRLFEPFYRMDSSRATATSGTGLGLPIAKEILLASGGDISAESKDETIIFNVRLPKPANN
;
_entity_poly.pdbx_strand_id   A,B
#
# COMPACT_ATOMS: atom_id res chain seq x y z
N THR A 3 -24.60 7.57 -4.01
CA THR A 3 -23.42 7.75 -3.18
C THR A 3 -23.71 7.32 -1.75
N GLU A 4 -23.84 6.01 -1.54
CA GLU A 4 -24.25 5.50 -0.24
C GLU A 4 -23.17 5.69 0.81
N THR A 5 -23.61 5.73 2.06
CA THR A 5 -22.72 5.62 3.20
C THR A 5 -22.95 4.27 3.85
N THR A 6 -21.87 3.52 4.04
CA THR A 6 -21.92 2.19 4.61
C THR A 6 -21.33 2.21 6.01
N ASP A 7 -22.09 1.68 6.97
CA ASP A 7 -21.56 1.45 8.31
C ASP A 7 -20.81 0.12 8.26
N LEU A 8 -19.48 0.20 8.14
CA LEU A 8 -18.68 -1.01 8.00
C LEU A 8 -18.68 -1.81 9.29
N SER A 9 -18.77 -1.13 10.44
CA SER A 9 -18.80 -1.84 11.71
C SER A 9 -20.00 -2.76 11.79
N LEU A 10 -21.19 -2.23 11.52
CA LEU A 10 -22.40 -3.05 11.50
C LEU A 10 -22.27 -4.15 10.46
N MET A 11 -21.75 -3.81 9.29
CA MET A 11 -21.69 -4.82 8.22
C MET A 11 -20.83 -5.99 8.63
N LEU A 12 -19.65 -5.71 9.19
CA LEU A 12 -18.78 -6.83 9.52
C LEU A 12 -19.28 -7.58 10.75
N GLU A 13 -19.90 -6.91 11.72
CA GLU A 13 -20.52 -7.61 12.84
C GLU A 13 -21.54 -8.60 12.32
N GLN A 14 -22.37 -8.17 11.38
CA GLN A 14 -23.39 -9.06 10.85
C GLN A 14 -22.79 -10.17 10.01
N LEU A 15 -21.83 -9.84 9.15
CA LEU A 15 -21.27 -10.86 8.26
CA LEU A 15 -21.28 -10.86 8.25
C LEU A 15 -20.57 -11.94 9.05
N THR A 16 -19.76 -11.54 10.06
CA THR A 16 -19.07 -12.54 10.86
C THR A 16 -20.08 -13.46 11.57
N PHE A 17 -21.17 -12.90 12.11
CA PHE A 17 -22.20 -13.74 12.73
C PHE A 17 -22.82 -14.71 11.71
N GLU A 18 -23.19 -14.20 10.53
CA GLU A 18 -23.84 -15.05 9.54
C GLU A 18 -22.96 -16.20 9.09
N PHE A 19 -21.64 -16.00 9.06
CA PHE A 19 -20.73 -17.03 8.63
C PHE A 19 -20.45 -18.09 9.68
N LEU A 20 -20.89 -17.90 10.94
CA LEU A 20 -20.55 -18.87 11.99
C LEU A 20 -20.80 -20.34 11.60
N PRO A 21 -21.93 -20.71 11.01
CA PRO A 21 -22.12 -22.13 10.63
C PRO A 21 -21.07 -22.65 9.66
N LEU A 22 -20.54 -21.80 8.77
CA LEU A 22 -19.53 -22.20 7.80
C LEU A 22 -18.15 -22.35 8.43
N LEU A 23 -17.94 -21.86 9.65
CA LEU A 23 -16.66 -22.05 10.33
C LEU A 23 -16.58 -23.41 10.99
N GLU A 24 -17.71 -24.13 11.10
CA GLU A 24 -17.69 -25.33 11.91
C GLU A 24 -16.94 -26.48 11.26
N GLU A 25 -17.00 -26.59 9.93
CA GLU A 25 -16.44 -27.79 9.31
C GLU A 25 -14.96 -27.96 9.63
N LYS A 26 -14.21 -26.85 9.65
CA LYS A 26 -12.80 -26.86 9.96
C LYS A 26 -12.49 -26.37 11.37
N ASN A 27 -13.50 -26.23 12.23
CA ASN A 27 -13.33 -25.79 13.61
C ASN A 27 -12.57 -24.48 13.68
N LEU A 28 -13.07 -23.48 12.95
CA LEU A 28 -12.47 -22.15 12.98
C LEU A 28 -13.24 -21.28 13.96
N ASN A 29 -12.60 -20.21 14.40
CA ASN A 29 -13.29 -19.27 15.29
C ASN A 29 -12.90 -17.85 14.90
N TRP A 30 -13.79 -16.90 15.14
CA TRP A 30 -13.47 -15.49 14.89
C TRP A 30 -12.73 -14.89 16.07
N GLN A 31 -11.72 -14.09 15.76
CA GLN A 31 -11.12 -13.15 16.71
C GLN A 31 -11.36 -11.78 16.10
N LEU A 32 -12.20 -10.98 16.74
CA LEU A 32 -12.65 -9.73 16.17
C LEU A 32 -12.10 -8.53 16.93
N ASN A 33 -11.66 -7.55 16.18
CA ASN A 33 -11.27 -6.25 16.72
CA ASN A 33 -11.31 -6.26 16.74
C ASN A 33 -11.91 -5.22 15.79
N LEU A 34 -13.20 -5.01 15.95
CA LEU A 34 -13.97 -4.14 15.05
C LEU A 34 -14.31 -2.85 15.76
N GLN A 35 -13.66 -1.77 15.37
CA GLN A 35 -14.07 -0.48 15.90
C GLN A 35 -15.49 -0.16 15.45
N LYS A 36 -16.17 0.66 16.23
CA LYS A 36 -17.58 0.99 16.06
C LYS A 36 -17.77 2.30 15.30
N ASN A 37 -18.94 2.42 14.65
CA ASN A 37 -19.34 3.66 13.97
C ASN A 37 -18.37 4.05 12.85
N VAL A 38 -17.79 3.06 12.19
CA VAL A 38 -16.83 3.32 11.13
C VAL A 38 -17.60 3.37 9.83
N LEU A 39 -17.76 4.58 9.29
CA LEU A 39 -18.52 4.81 8.08
C LEU A 39 -17.58 5.02 6.91
N ALA A 40 -17.97 4.51 5.75
CA ALA A 40 -17.24 4.70 4.52
C ALA A 40 -18.23 5.07 3.43
N THR A 41 -17.78 5.87 2.46
CA THR A 41 -18.60 6.22 1.30
CA THR A 41 -18.61 6.21 1.31
C THR A 41 -18.35 5.15 0.25
N VAL A 42 -19.16 4.10 0.27
CA VAL A 42 -19.01 2.98 -0.63
C VAL A 42 -20.35 2.29 -0.65
N ASP A 43 -20.71 1.71 -1.81
CA ASP A 43 -21.96 1.00 -1.90
C ASP A 43 -21.93 -0.19 -0.96
N THR A 44 -22.99 -0.34 -0.18
CA THR A 44 -23.03 -1.34 0.88
C THR A 44 -22.94 -2.74 0.31
N GLU A 45 -23.82 -3.07 -0.65
CA GLU A 45 -23.83 -4.45 -1.17
C GLU A 45 -22.54 -4.77 -1.92
N LYS A 46 -21.99 -3.78 -2.63
CA LYS A 46 -20.74 -4.00 -3.34
C LYS A 46 -19.62 -4.38 -2.40
N ILE A 47 -19.40 -3.59 -1.32
CA ILE A 47 -18.33 -3.93 -0.38
C ILE A 47 -18.65 -5.21 0.39
N ALA A 48 -19.93 -5.46 0.70
CA ALA A 48 -20.27 -6.71 1.38
C ALA A 48 -19.94 -7.93 0.52
N ARG A 49 -20.14 -7.82 -0.78
CA ARG A 49 -19.79 -8.93 -1.66
C ARG A 49 -18.28 -9.12 -1.73
N VAL A 50 -17.51 -8.02 -1.71
CA VAL A 50 -16.06 -8.15 -1.63
C VAL A 50 -15.64 -8.86 -0.36
N PHE A 51 -16.23 -8.45 0.78
CA PHE A 51 -15.87 -9.09 2.06
C PHE A 51 -16.31 -10.55 2.13
N ASP A 52 -17.50 -10.85 1.61
CA ASP A 52 -17.97 -12.24 1.53
C ASP A 52 -16.93 -13.12 0.83
N ASN A 53 -16.40 -12.62 -0.30
CA ASN A 53 -15.44 -13.42 -1.03
C ASN A 53 -14.12 -13.56 -0.24
N LEU A 54 -13.64 -12.46 0.39
CA LEU A 54 -12.41 -12.56 1.17
C LEU A 54 -12.55 -13.52 2.35
N ILE A 55 -13.70 -13.49 3.03
CA ILE A 55 -13.93 -14.43 4.12
C ILE A 55 -14.01 -15.87 3.63
N ARG A 56 -14.72 -16.12 2.50
CA ARG A 56 -14.77 -17.48 1.97
C ARG A 56 -13.38 -17.97 1.58
N ASN A 57 -12.56 -17.08 1.01
CA ASN A 57 -11.19 -17.49 0.68
C ASN A 57 -10.43 -17.84 1.96
N ALA A 58 -10.62 -17.05 3.01
CA ALA A 58 -9.91 -17.30 4.26
C ALA A 58 -10.33 -18.62 4.87
N ILE A 59 -11.64 -18.91 4.86
CA ILE A 59 -12.10 -20.21 5.34
C ILE A 59 -11.43 -21.32 4.57
N ASN A 60 -11.37 -21.17 3.24
CA ASN A 60 -10.82 -22.24 2.40
CA ASN A 60 -10.82 -22.23 2.38
C ASN A 60 -9.31 -22.37 2.58
N TYR A 61 -8.60 -21.24 2.74
CA TYR A 61 -7.13 -21.22 2.96
C TYR A 61 -6.75 -21.82 4.32
N SER A 62 -7.63 -21.70 5.31
CA SER A 62 -7.21 -21.80 6.70
C SER A 62 -6.82 -23.22 7.10
N TYR A 63 -5.83 -23.33 7.97
CA TYR A 63 -5.67 -24.56 8.72
C TYR A 63 -6.90 -24.79 9.59
N PRO A 64 -7.25 -26.04 9.86
CA PRO A 64 -8.30 -26.29 10.85
C PRO A 64 -7.86 -25.86 12.24
N ASP A 65 -8.84 -25.73 13.12
CA ASP A 65 -8.63 -25.49 14.54
C ASP A 65 -7.91 -24.16 14.78
N SER A 66 -8.25 -23.16 13.99
CA SER A 66 -7.48 -21.94 13.90
C SER A 66 -8.40 -20.73 13.93
N PRO A 67 -7.89 -19.59 14.39
CA PRO A 67 -8.68 -18.36 14.36
C PRO A 67 -8.59 -17.64 13.03
N LEU A 68 -9.68 -16.94 12.71
CA LEU A 68 -9.72 -15.95 11.64
C LEU A 68 -9.76 -14.60 12.33
N LEU A 69 -8.74 -13.80 12.11
CA LEU A 69 -8.63 -12.52 12.81
C LEU A 69 -9.10 -11.40 11.88
N LEU A 70 -10.12 -10.66 12.30
CA LEU A 70 -10.67 -9.59 11.48
C LEU A 70 -10.62 -8.29 12.26
N GLU A 71 -9.95 -7.28 11.68
CA GLU A 71 -9.71 -6.01 12.36
C GLU A 71 -10.23 -4.89 11.48
N LEU A 72 -10.91 -3.94 12.10
CA LEU A 72 -11.44 -2.75 11.44
C LEU A 72 -10.99 -1.55 12.24
N VAL A 73 -10.20 -0.65 11.64
CA VAL A 73 -9.65 0.51 12.32
C VAL A 73 -9.89 1.75 11.46
N GLU A 74 -10.24 2.85 12.10
CA GLU A 74 -10.37 4.15 11.43
C GLU A 74 -9.18 5.02 11.83
N SER A 75 -8.32 5.34 10.87
CA SER A 75 -7.27 6.33 11.13
C SER A 75 -7.29 7.37 10.04
N ASP A 76 -6.16 7.63 9.38
CA ASP A 76 -6.22 8.58 8.28
C ASP A 76 -7.05 8.05 7.12
N SER A 77 -7.08 6.72 6.96
CA SER A 77 -8.01 6.01 6.09
C SER A 77 -8.68 4.95 6.96
N ILE A 78 -9.61 4.25 6.36
CA ILE A 78 -10.22 3.09 7.01
C ILE A 78 -9.47 1.86 6.57
N HIS A 79 -9.13 1.02 7.53
CA HIS A 79 -8.32 -0.18 7.27
C HIS A 79 -9.08 -1.40 7.76
N ILE A 80 -9.14 -2.42 6.92
CA ILE A 80 -9.72 -3.71 7.28
C ILE A 80 -8.64 -4.74 7.03
N ARG A 81 -8.37 -5.58 8.00
CA ARG A 81 -7.37 -6.62 7.85
C ARG A 81 -7.98 -7.97 8.19
N LEU A 82 -7.80 -8.95 7.31
CA LEU A 82 -8.27 -10.31 7.54
C LEU A 82 -7.08 -11.24 7.50
N THR A 83 -6.81 -11.92 8.62
CA THR A 83 -5.64 -12.77 8.77
C THR A 83 -6.09 -14.20 9.04
N ASN A 84 -5.51 -15.16 8.32
CA ASN A 84 -5.72 -16.56 8.67
C ASN A 84 -4.38 -17.25 8.77
N ARG A 85 -4.39 -18.44 9.38
CA ARG A 85 -3.21 -19.29 9.43
C ARG A 85 -3.33 -20.28 8.29
N GLY A 86 -2.21 -20.58 7.64
CA GLY A 86 -2.24 -21.49 6.51
C GLY A 86 -0.84 -21.63 5.96
N LYS A 87 -0.71 -22.43 4.90
CA LYS A 87 0.59 -22.58 4.25
C LYS A 87 1.09 -21.22 3.75
N THR A 88 2.34 -20.88 4.06
CA THR A 88 2.85 -19.59 3.62
C THR A 88 2.80 -19.47 2.11
N ILE A 89 2.30 -18.34 1.63
CA ILE A 89 2.27 -18.04 0.19
C ILE A 89 3.61 -17.42 -0.18
N PRO A 90 4.35 -18.00 -1.12
CA PRO A 90 5.68 -17.46 -1.46
C PRO A 90 5.61 -16.09 -2.11
N GLU A 91 6.70 -15.33 -1.97
CA GLU A 91 6.71 -13.94 -2.40
C GLU A 91 6.43 -13.80 -3.89
N GLU A 92 6.91 -14.75 -4.70
CA GLU A 92 6.59 -14.74 -6.13
C GLU A 92 5.09 -14.79 -6.36
N MET A 93 4.38 -15.58 -5.58
CA MET A 93 2.94 -15.70 -5.75
C MET A 93 2.20 -14.49 -5.18
N ILE A 94 2.64 -14.01 -4.01
CA ILE A 94 1.99 -12.84 -3.41
C ILE A 94 1.92 -11.70 -4.40
N GLY A 95 3.01 -11.46 -5.11
CA GLY A 95 3.08 -10.39 -6.10
C GLY A 95 2.12 -10.54 -7.27
N ARG A 96 1.53 -11.71 -7.47
CA ARG A 96 0.66 -11.91 -8.62
C ARG A 96 -0.79 -12.20 -8.27
N LEU A 97 -1.14 -12.14 -6.98
CA LEU A 97 -2.48 -12.55 -6.57
C LEU A 97 -3.57 -11.69 -7.19
N PHE A 98 -3.28 -10.44 -7.52
CA PHE A 98 -4.30 -9.54 -8.06
C PHE A 98 -4.22 -9.45 -9.58
N GLU A 99 -3.41 -10.28 -10.21
CA GLU A 99 -3.30 -10.30 -11.66
C GLU A 99 -4.44 -11.12 -12.26
N PRO A 100 -5.23 -10.57 -13.16
CA PRO A 100 -6.31 -11.37 -13.77
C PRO A 100 -5.81 -12.71 -14.30
N PHE A 101 -6.52 -13.76 -13.96
CA PHE A 101 -6.31 -15.11 -14.47
C PHE A 101 -5.04 -15.76 -13.97
N TYR A 102 -4.35 -15.13 -13.03
CA TYR A 102 -3.20 -15.80 -12.41
C TYR A 102 -3.61 -17.12 -11.76
N ARG A 103 -4.79 -17.15 -11.14
CA ARG A 103 -5.25 -18.38 -10.48
C ARG A 103 -5.39 -19.54 -11.45
N MET A 104 -5.33 -19.29 -12.76
CA MET A 104 -5.38 -20.32 -13.78
C MET A 104 -4.05 -20.63 -14.44
N ASP A 105 -2.99 -19.87 -14.14
CA ASP A 105 -1.73 -20.03 -14.84
C ASP A 105 -1.05 -21.38 -14.56
N GLY A 116 -7.42 -18.83 -4.03
CA GLY A 116 -8.53 -17.93 -3.78
C GLY A 116 -9.18 -17.32 -5.02
N LEU A 117 -10.48 -17.08 -4.98
CA LEU A 117 -11.21 -16.50 -6.11
C LEU A 117 -11.34 -14.99 -5.93
N GLY A 118 -11.67 -14.32 -7.02
CA GLY A 118 -12.15 -12.95 -6.96
C GLY A 118 -11.15 -11.87 -6.63
N LEU A 119 -9.87 -12.19 -6.51
CA LEU A 119 -8.91 -11.19 -6.03
C LEU A 119 -8.64 -10.09 -7.05
N PRO A 120 -8.40 -10.38 -8.34
CA PRO A 120 -8.26 -9.28 -9.30
C PRO A 120 -9.48 -8.35 -9.29
N ILE A 121 -10.68 -8.93 -9.18
CA ILE A 121 -11.89 -8.10 -9.18
C ILE A 121 -11.99 -7.28 -7.88
N ALA A 122 -11.60 -7.86 -6.75
CA ALA A 122 -11.54 -7.07 -5.53
C ALA A 122 -10.69 -5.83 -5.70
N LYS A 123 -9.51 -5.99 -6.33
CA LYS A 123 -8.63 -4.84 -6.50
C LYS A 123 -9.26 -3.83 -7.45
N GLU A 124 -9.86 -4.30 -8.55
CA GLU A 124 -10.52 -3.39 -9.48
C GLU A 124 -11.62 -2.59 -8.79
N ILE A 125 -12.46 -3.28 -8.00
CA ILE A 125 -13.54 -2.62 -7.25
C ILE A 125 -12.97 -1.59 -6.27
N LEU A 126 -11.97 -1.99 -5.49
CA LEU A 126 -11.48 -1.10 -4.44
C LEU A 126 -10.77 0.11 -5.02
N LEU A 127 -9.97 -0.09 -6.08
CA LEU A 127 -9.32 1.06 -6.71
C LEU A 127 -10.33 2.08 -7.19
N ALA A 128 -11.42 1.62 -7.82
CA ALA A 128 -12.44 2.53 -8.32
C ALA A 128 -13.25 3.16 -7.20
N SER A 129 -13.20 2.60 -6.01
CA SER A 129 -13.81 3.17 -4.82
C SER A 129 -12.89 4.13 -4.07
N GLY A 130 -11.69 4.39 -4.59
CA GLY A 130 -10.75 5.26 -3.90
C GLY A 130 -9.95 4.58 -2.84
N GLY A 131 -9.93 3.25 -2.83
CA GLY A 131 -9.18 2.49 -1.86
C GLY A 131 -8.22 1.54 -2.54
N ASP A 132 -7.92 0.39 -1.90
CA ASP A 132 -7.01 -0.57 -2.48
C ASP A 132 -7.06 -1.84 -1.63
N ILE A 133 -6.37 -2.85 -2.12
CA ILE A 133 -6.20 -4.10 -1.38
C ILE A 133 -4.82 -4.62 -1.65
N SER A 134 -4.24 -5.26 -0.64
CA SER A 134 -2.93 -5.88 -0.77
C SER A 134 -2.91 -7.16 0.06
N ALA A 135 -1.91 -7.99 -0.20
CA ALA A 135 -1.73 -9.23 0.53
C ALA A 135 -0.30 -9.36 1.01
N GLU A 136 -0.15 -10.03 2.15
CA GLU A 136 1.15 -10.38 2.74
C GLU A 136 1.09 -11.80 3.25
N SER A 137 2.23 -12.49 3.27
CA SER A 137 2.24 -13.81 3.89
C SER A 137 3.64 -14.11 4.42
N LYS A 138 3.70 -14.54 5.68
CA LYS A 138 4.94 -15.03 6.26
C LYS A 138 4.57 -15.90 7.47
N ASP A 139 5.44 -16.86 7.77
CA ASP A 139 5.33 -17.62 9.01
C ASP A 139 3.94 -18.23 9.16
N GLU A 140 3.46 -18.84 8.08
CA GLU A 140 2.21 -19.59 8.10
C GLU A 140 1.03 -18.69 8.43
N THR A 141 1.11 -17.45 8.00
CA THR A 141 0.06 -16.45 8.18
C THR A 141 -0.20 -15.82 6.82
N ILE A 142 -1.47 -15.56 6.52
CA ILE A 142 -1.89 -14.98 5.25
C ILE A 142 -2.76 -13.78 5.60
N ILE A 143 -2.42 -12.61 5.09
CA ILE A 143 -3.06 -11.36 5.51
C ILE A 143 -3.54 -10.61 4.28
N PHE A 144 -4.82 -10.23 4.27
CA PHE A 144 -5.34 -9.31 3.26
C PHE A 144 -5.66 -7.98 3.94
N ASN A 145 -5.20 -6.90 3.31
CA ASN A 145 -5.34 -5.56 3.87
C ASN A 145 -6.15 -4.73 2.90
N VAL A 146 -7.29 -4.21 3.35
CA VAL A 146 -8.16 -3.38 2.52
C VAL A 146 -8.10 -1.97 3.08
N ARG A 147 -7.96 -1.00 2.19
CA ARG A 147 -8.05 0.40 2.57
C ARG A 147 -9.23 1.04 1.87
N LEU A 148 -10.01 1.84 2.61
CA LEU A 148 -11.07 2.66 2.04
C LEU A 148 -10.92 4.10 2.51
N PRO A 149 -11.37 5.07 1.73
CA PRO A 149 -11.26 6.45 2.19
C PRO A 149 -12.26 6.72 3.30
N LYS A 150 -11.82 7.59 4.24
CA LYS A 150 -12.69 8.10 5.28
C LYS A 150 -13.49 9.26 4.70
N PRO A 151 -14.80 9.35 5.00
CA PRO A 151 -15.62 10.45 4.50
C PRO A 151 -15.11 11.79 5.03
N THR B 3 -4.16 26.65 0.45
CA THR B 3 -4.00 25.32 -0.13
C THR B 3 -3.49 25.43 -1.58
N GLU B 4 -2.17 25.37 -1.74
CA GLU B 4 -1.59 25.57 -3.06
C GLU B 4 -1.88 24.35 -3.95
N THR B 5 -1.82 24.59 -5.25
CA THR B 5 -1.79 23.54 -6.26
C THR B 5 -0.37 23.48 -6.82
N THR B 6 0.24 22.29 -6.77
CA THR B 6 1.60 22.09 -7.24
C THR B 6 1.58 21.32 -8.54
N ASP B 7 2.33 21.80 -9.52
CA ASP B 7 2.58 21.05 -10.76
C ASP B 7 3.74 20.08 -10.49
N LEU B 8 3.39 18.82 -10.24
CA LEU B 8 4.41 17.84 -9.86
C LEU B 8 5.29 17.48 -11.03
N SER B 9 4.74 17.48 -12.25
CA SER B 9 5.55 17.20 -13.43
C SER B 9 6.69 18.18 -13.57
N LEU B 10 6.38 19.48 -13.49
CA LEU B 10 7.40 20.52 -13.55
C LEU B 10 8.39 20.41 -12.40
N MET B 11 7.88 20.15 -11.21
CA MET B 11 8.75 20.05 -10.05
C MET B 11 9.78 18.94 -10.23
N LEU B 12 9.35 17.76 -10.66
CA LEU B 12 10.30 16.67 -10.78
C LEU B 12 11.28 16.87 -11.93
N GLU B 13 10.83 17.45 -13.04
CA GLU B 13 11.76 17.86 -14.09
C GLU B 13 12.85 18.78 -13.53
N GLN B 14 12.44 19.76 -12.73
CA GLN B 14 13.41 20.72 -12.20
C GLN B 14 14.35 20.05 -11.20
N LEU B 15 13.80 19.23 -10.31
CA LEU B 15 14.64 18.63 -9.27
C LEU B 15 15.64 17.65 -9.87
N THR B 16 15.23 16.85 -10.83
CA THR B 16 16.18 15.93 -11.43
C THR B 16 17.33 16.68 -12.10
N PHE B 17 17.03 17.81 -12.76
CA PHE B 17 18.11 18.55 -13.40
C PHE B 17 19.05 19.15 -12.35
N GLU B 18 18.50 19.72 -11.28
CA GLU B 18 19.33 20.32 -10.25
C GLU B 18 20.21 19.30 -9.57
N PHE B 19 19.73 18.06 -9.43
CA PHE B 19 20.52 17.02 -8.78
C PHE B 19 21.63 16.46 -9.65
N LEU B 20 21.70 16.80 -10.94
CA LEU B 20 22.69 16.17 -11.81
C LEU B 20 24.13 16.20 -11.29
N PRO B 21 24.66 17.30 -10.74
CA PRO B 21 26.05 17.25 -10.27
C PRO B 21 26.25 16.31 -9.08
N LEU B 22 25.21 16.05 -8.31
CA LEU B 22 25.31 15.12 -7.19
C LEU B 22 25.21 13.66 -7.60
N LEU B 23 24.81 13.38 -8.83
CA LEU B 23 24.86 12.03 -9.35
C LEU B 23 26.25 11.64 -9.81
N GLU B 24 27.17 12.59 -9.92
CA GLU B 24 28.45 12.31 -10.56
C GLU B 24 29.35 11.45 -9.69
N GLU B 25 29.34 11.67 -8.38
CA GLU B 25 30.27 10.98 -7.48
C GLU B 25 30.21 9.46 -7.68
N LYS B 26 28.98 8.92 -7.74
CA LYS B 26 28.76 7.50 -7.92
C LYS B 26 28.47 7.12 -9.37
N ASN B 27 28.55 8.07 -10.31
CA ASN B 27 28.24 7.80 -11.72
C ASN B 27 26.82 7.25 -11.89
N LEU B 28 25.85 7.96 -11.35
CA LEU B 28 24.46 7.58 -11.52
C LEU B 28 23.84 8.32 -12.71
N ASN B 29 22.72 7.80 -13.20
CA ASN B 29 21.99 8.51 -14.25
C ASN B 29 20.49 8.43 -13.98
N TRP B 30 19.76 9.45 -14.42
CA TRP B 30 18.32 9.44 -14.33
C TRP B 30 17.70 8.64 -15.47
N GLN B 31 16.69 7.84 -15.15
CA GLN B 31 15.78 7.26 -16.13
C GLN B 31 14.41 7.78 -15.72
N LEU B 32 13.83 8.65 -16.53
CA LEU B 32 12.61 9.36 -16.15
C LEU B 32 11.41 8.89 -16.94
N ASN B 33 10.28 8.81 -16.27
CA ASN B 33 9.00 8.55 -16.92
C ASN B 33 7.96 9.43 -16.23
N LEU B 34 7.82 10.66 -16.69
CA LEU B 34 7.02 11.66 -16.00
C LEU B 34 5.77 12.00 -16.81
N GLN B 35 4.60 11.64 -16.29
CA GLN B 35 3.34 12.08 -16.89
CA GLN B 35 3.34 12.08 -16.91
C GLN B 35 3.27 13.60 -16.87
N LYS B 36 2.84 14.19 -17.98
CA LYS B 36 2.73 15.63 -18.06
C LYS B 36 1.48 16.11 -17.31
N ASN B 37 1.55 17.36 -16.84
CA ASN B 37 0.39 18.11 -16.36
C ASN B 37 -0.25 17.51 -15.11
N VAL B 38 0.55 16.94 -14.20
CA VAL B 38 0.00 16.34 -13.00
C VAL B 38 -0.02 17.38 -11.90
N LEU B 39 -1.23 17.73 -11.43
CA LEU B 39 -1.41 18.71 -10.37
C LEU B 39 -1.88 18.00 -9.11
N ALA B 40 -1.35 18.44 -7.97
CA ALA B 40 -1.76 17.91 -6.68
C ALA B 40 -2.06 19.06 -5.74
N THR B 41 -2.98 18.83 -4.81
CA THR B 41 -3.31 19.83 -3.80
C THR B 41 -2.36 19.63 -2.63
N VAL B 42 -1.19 20.25 -2.74
CA VAL B 42 -0.17 20.15 -1.70
C VAL B 42 0.74 21.35 -1.86
N ASP B 43 1.29 21.80 -0.72
CA ASP B 43 2.24 22.91 -0.69
C ASP B 43 3.48 22.54 -1.48
N THR B 44 3.88 23.44 -2.37
CA THR B 44 4.96 23.16 -3.30
C THR B 44 6.28 22.90 -2.60
N GLU B 45 6.68 23.81 -1.71
CA GLU B 45 7.99 23.63 -1.07
C GLU B 45 7.96 22.44 -0.13
N LYS B 46 6.82 22.22 0.53
CA LYS B 46 6.72 21.07 1.42
C LYS B 46 6.96 19.76 0.67
N ILE B 47 6.27 19.56 -0.47
CA ILE B 47 6.46 18.31 -1.22
C ILE B 47 7.84 18.27 -1.88
N ALA B 48 8.36 19.41 -2.33
CA ALA B 48 9.69 19.42 -2.90
C ALA B 48 10.73 18.97 -1.88
N ARG B 49 10.58 19.42 -0.63
CA ARG B 49 11.54 19.00 0.38
C ARG B 49 11.42 17.52 0.69
N VAL B 50 10.20 16.97 0.65
CA VAL B 50 10.08 15.52 0.80
C VAL B 50 10.77 14.77 -0.35
N PHE B 51 10.59 15.23 -1.60
CA PHE B 51 11.25 14.57 -2.72
C PHE B 51 12.76 14.73 -2.66
N ASP B 52 13.27 15.93 -2.29
CA ASP B 52 14.70 16.14 -2.14
C ASP B 52 15.30 15.11 -1.19
N ASN B 53 14.64 14.90 -0.04
CA ASN B 53 15.14 13.92 0.91
C ASN B 53 15.10 12.52 0.34
N LEU B 54 14.00 12.14 -0.35
CA LEU B 54 13.93 10.83 -0.97
C LEU B 54 15.04 10.63 -1.99
N ILE B 55 15.30 11.65 -2.82
CA ILE B 55 16.36 11.54 -3.82
C ILE B 55 17.73 11.42 -3.17
N ARG B 56 17.98 12.19 -2.10
CA ARG B 56 19.26 12.10 -1.41
C ARG B 56 19.44 10.73 -0.78
N ASN B 57 18.34 10.16 -0.25
CA ASN B 57 18.44 8.80 0.29
C ASN B 57 18.76 7.80 -0.82
N ALA B 58 18.11 7.95 -1.97
CA ALA B 58 18.31 7.02 -3.08
C ALA B 58 19.74 7.12 -3.60
N ILE B 59 20.28 8.34 -3.68
CA ILE B 59 21.68 8.49 -4.04
C ILE B 59 22.58 7.77 -3.01
N ASN B 60 22.21 7.85 -1.72
CA ASN B 60 23.05 7.22 -0.71
CA ASN B 60 23.00 7.22 -0.66
C ASN B 60 22.89 5.70 -0.69
N TYR B 61 21.70 5.16 -0.95
CA TYR B 61 21.49 3.71 -1.06
C TYR B 61 22.15 3.11 -2.30
N SER B 62 22.37 3.90 -3.35
CA SER B 62 22.57 3.33 -4.69
C SER B 62 23.96 2.71 -4.87
N TYR B 63 24.00 1.59 -5.60
CA TYR B 63 25.24 1.12 -6.19
C TYR B 63 25.77 2.16 -7.17
N PRO B 64 27.08 2.24 -7.37
CA PRO B 64 27.62 3.10 -8.43
C PRO B 64 27.24 2.59 -9.80
N ASP B 65 27.38 3.48 -10.80
CA ASP B 65 27.22 3.12 -12.21
C ASP B 65 25.82 2.58 -12.48
N SER B 66 24.82 3.15 -11.83
CA SER B 66 23.47 2.61 -11.84
C SER B 66 22.45 3.69 -12.11
N PRO B 67 21.28 3.32 -12.60
CA PRO B 67 20.22 4.30 -12.87
C PRO B 67 19.38 4.55 -11.64
N LEU B 68 18.86 5.78 -11.58
CA LEU B 68 17.78 6.12 -10.65
C LEU B 68 16.52 6.26 -11.49
N LEU B 69 15.51 5.43 -11.23
CA LEU B 69 14.32 5.40 -12.06
C LEU B 69 13.25 6.19 -11.32
N LEU B 70 12.75 7.24 -11.95
CA LEU B 70 11.76 8.11 -11.33
C LEU B 70 10.54 8.19 -12.23
N GLU B 71 9.40 7.77 -11.70
CA GLU B 71 8.17 7.63 -12.47
C GLU B 71 7.08 8.43 -11.78
N LEU B 72 6.30 9.15 -12.56
CA LEU B 72 5.14 9.92 -12.08
C LEU B 72 3.97 9.47 -12.93
N VAL B 73 2.93 8.93 -12.28
CA VAL B 73 1.78 8.32 -12.95
C VAL B 73 0.52 8.84 -12.28
N GLU B 74 -0.52 9.14 -13.06
CA GLU B 74 -1.79 9.56 -12.49
C GLU B 74 -2.88 8.57 -12.89
N SER B 75 -3.20 7.67 -11.99
CA SER B 75 -4.26 6.68 -12.21
C SER B 75 -5.47 6.97 -11.33
N ASP B 76 -5.87 6.05 -10.46
CA ASP B 76 -6.90 6.40 -9.49
C ASP B 76 -6.36 7.36 -8.43
N SER B 77 -5.06 7.35 -8.23
CA SER B 77 -4.34 8.30 -7.38
CA SER B 77 -4.38 8.35 -7.41
C SER B 77 -3.12 8.74 -8.15
N ILE B 78 -2.39 9.72 -7.61
CA ILE B 78 -1.09 10.10 -8.14
C ILE B 78 -0.04 9.24 -7.48
N HIS B 79 0.85 8.65 -8.27
CA HIS B 79 1.94 7.85 -7.74
C HIS B 79 3.27 8.39 -8.23
N ILE B 80 4.23 8.55 -7.31
CA ILE B 80 5.61 8.86 -7.65
C ILE B 80 6.42 7.71 -7.12
N ARG B 81 7.18 7.07 -7.99
CA ARG B 81 7.95 5.90 -7.61
CA ARG B 81 7.95 5.90 -7.61
C ARG B 81 9.41 6.19 -7.92
N LEU B 82 10.27 5.95 -6.94
CA LEU B 82 11.69 6.18 -7.08
C LEU B 82 12.39 4.86 -6.79
N THR B 83 13.09 4.33 -7.80
CA THR B 83 13.74 3.02 -7.72
C THR B 83 15.24 3.20 -7.86
N ASN B 84 16.00 2.58 -6.96
CA ASN B 84 17.45 2.48 -7.10
C ASN B 84 17.88 1.04 -6.95
N ARG B 85 19.06 0.74 -7.48
CA ARG B 85 19.69 -0.55 -7.25
C ARG B 85 20.60 -0.41 -6.04
N GLY B 86 20.65 -1.45 -5.21
CA GLY B 86 21.48 -1.40 -4.03
C GLY B 86 21.30 -2.67 -3.24
N LYS B 87 21.95 -2.72 -2.08
CA LYS B 87 21.81 -3.88 -1.21
C LYS B 87 20.36 -4.08 -0.80
N THR B 88 19.84 -5.30 -0.93
CA THR B 88 18.43 -5.51 -0.62
C THR B 88 18.19 -5.18 0.85
N ILE B 89 17.13 -4.42 1.12
CA ILE B 89 16.75 -4.15 2.51
C ILE B 89 15.92 -5.31 3.03
N PRO B 90 16.31 -5.89 4.17
CA PRO B 90 15.59 -7.05 4.73
C PRO B 90 14.13 -6.74 5.06
N GLU B 91 13.30 -7.79 4.99
CA GLU B 91 11.86 -7.62 5.20
C GLU B 91 11.55 -7.02 6.56
N GLU B 92 12.28 -7.44 7.60
CA GLU B 92 12.02 -6.92 8.95
C GLU B 92 12.37 -5.45 9.06
N MET B 93 13.35 -4.99 8.27
CA MET B 93 13.74 -3.58 8.28
C MET B 93 12.82 -2.76 7.37
N ILE B 94 12.38 -3.33 6.25
CA ILE B 94 11.55 -2.58 5.31
C ILE B 94 10.24 -2.16 5.98
N GLY B 95 9.75 -2.97 6.92
CA GLY B 95 8.53 -2.65 7.62
C GLY B 95 8.66 -1.62 8.71
N ARG B 96 9.88 -1.17 9.02
CA ARG B 96 10.08 -0.22 10.09
C ARG B 96 10.76 1.06 9.63
N LEU B 97 11.00 1.23 8.32
CA LEU B 97 11.74 2.41 7.83
C LEU B 97 11.01 3.71 8.16
N PHE B 98 9.70 3.68 8.34
CA PHE B 98 8.92 4.90 8.60
C PHE B 98 8.58 5.09 10.07
N GLU B 99 9.16 4.27 10.92
CA GLU B 99 8.94 4.34 12.37
C GLU B 99 9.83 5.42 12.95
N PRO B 100 9.28 6.40 13.68
CA PRO B 100 10.11 7.43 14.28
C PRO B 100 11.20 6.81 15.13
N PHE B 101 12.43 7.24 14.89
CA PHE B 101 13.61 6.89 15.67
C PHE B 101 14.10 5.47 15.45
N TYR B 102 13.48 4.71 14.54
CA TYR B 102 13.98 3.38 14.22
C TYR B 102 15.44 3.42 13.79
N ARG B 103 15.85 4.48 13.07
CA ARG B 103 17.22 4.61 12.60
C ARG B 103 18.25 4.74 13.72
N MET B 104 17.81 4.82 14.97
CA MET B 104 18.72 4.89 16.11
C MET B 104 18.79 3.58 16.88
N ASP B 105 18.03 2.56 16.48
CA ASP B 105 18.03 1.28 17.17
C ASP B 105 19.34 0.54 16.93
N GLY B 116 18.65 5.78 5.84
CA GLY B 116 18.02 6.97 5.31
C GLY B 116 17.40 7.87 6.36
N LEU B 117 17.62 9.18 6.23
CA LEU B 117 17.06 10.17 7.15
C LEU B 117 15.71 10.66 6.66
N GLY B 118 14.93 11.20 7.58
CA GLY B 118 13.71 11.87 7.17
C GLY B 118 12.54 11.00 6.81
N LEU B 119 12.68 9.68 6.83
CA LEU B 119 11.57 8.86 6.33
C LEU B 119 10.32 8.88 7.22
N PRO B 120 10.43 8.81 8.55
CA PRO B 120 9.21 8.94 9.36
C PRO B 120 8.50 10.27 9.14
N ILE B 121 9.23 11.37 8.98
CA ILE B 121 8.60 12.65 8.73
C ILE B 121 7.97 12.71 7.34
N ALA B 122 8.58 12.08 6.33
CA ALA B 122 7.91 12.03 5.03
C ALA B 122 6.55 11.35 5.13
N LYS B 123 6.46 10.25 5.88
CA LYS B 123 5.17 9.58 6.03
C LYS B 123 4.18 10.48 6.75
N GLU B 124 4.62 11.13 7.82
CA GLU B 124 3.75 12.05 8.54
C GLU B 124 3.19 13.11 7.60
N ILE B 125 4.07 13.73 6.81
CA ILE B 125 3.64 14.78 5.87
C ILE B 125 2.66 14.23 4.84
N LEU B 126 2.97 13.08 4.27
CA LEU B 126 2.14 12.57 3.19
C LEU B 126 0.77 12.13 3.72
N LEU B 127 0.72 11.52 4.92
CA LEU B 127 -0.58 11.21 5.51
C LEU B 127 -1.41 12.47 5.75
N ALA B 128 -0.78 13.55 6.19
CA ALA B 128 -1.52 14.78 6.40
C ALA B 128 -1.99 15.44 5.11
N SER B 129 -1.45 15.01 3.97
CA SER B 129 -1.83 15.53 2.67
C SER B 129 -2.80 14.59 1.97
N GLY B 130 -3.32 13.61 2.68
CA GLY B 130 -4.26 12.68 2.09
C GLY B 130 -3.64 11.54 1.32
N GLY B 131 -2.34 11.30 1.46
CA GLY B 131 -1.62 10.25 0.77
C GLY B 131 -0.83 9.38 1.71
N ASP B 132 0.30 8.86 1.22
CA ASP B 132 1.09 7.94 2.03
C ASP B 132 2.40 7.67 1.32
N ILE B 133 3.26 6.93 1.98
CA ILE B 133 4.51 6.48 1.39
C ILE B 133 4.78 5.07 1.88
N SER B 134 5.31 4.23 1.01
CA SER B 134 5.73 2.91 1.41
C SER B 134 7.03 2.59 0.71
N ALA B 135 7.67 1.54 1.17
CA ALA B 135 8.91 1.05 0.59
C ALA B 135 8.83 -0.45 0.32
N GLU B 136 9.51 -0.89 -0.73
CA GLU B 136 9.71 -2.31 -1.00
C GLU B 136 11.12 -2.58 -1.45
N SER B 137 11.61 -3.80 -1.23
CA SER B 137 12.96 -4.13 -1.65
C SER B 137 13.05 -5.62 -1.92
N LYS B 138 13.63 -5.96 -3.06
CA LYS B 138 13.90 -7.35 -3.42
C LYS B 138 14.91 -7.31 -4.56
N ASP B 139 15.74 -8.35 -4.63
CA ASP B 139 16.62 -8.52 -5.79
C ASP B 139 17.45 -7.28 -6.05
N GLU B 140 18.06 -6.75 -4.99
CA GLU B 140 18.99 -5.63 -5.12
C GLU B 140 18.33 -4.39 -5.72
N THR B 141 17.03 -4.24 -5.45
CA THR B 141 16.26 -3.08 -5.87
CA THR B 141 16.31 -3.06 -5.85
C THR B 141 15.59 -2.50 -4.62
N ILE B 142 15.50 -1.18 -4.57
CA ILE B 142 14.87 -0.47 -3.45
CA ILE B 142 14.85 -0.49 -3.47
C ILE B 142 13.88 0.51 -4.09
N ILE B 143 12.63 0.43 -3.69
CA ILE B 143 11.60 1.24 -4.31
C ILE B 143 10.87 2.02 -3.23
N PHE B 144 10.75 3.32 -3.41
CA PHE B 144 9.89 4.16 -2.58
C PHE B 144 8.68 4.58 -3.40
N ASN B 145 7.49 4.39 -2.84
CA ASN B 145 6.24 4.64 -3.53
C ASN B 145 5.50 5.73 -2.77
N VAL B 146 5.33 6.90 -3.37
CA VAL B 146 4.58 8.01 -2.78
C VAL B 146 3.22 8.06 -3.47
N ARG B 147 2.16 8.13 -2.69
CA ARG B 147 0.81 8.32 -3.22
C ARG B 147 0.26 9.67 -2.77
N LEU B 148 -0.31 10.43 -3.68
CA LEU B 148 -1.08 11.62 -3.37
C LEU B 148 -2.47 11.49 -4.00
N PRO B 149 -3.50 12.07 -3.41
CA PRO B 149 -4.83 12.00 -4.01
C PRO B 149 -4.92 12.92 -5.21
N LYS B 150 -5.74 12.50 -6.18
CA LYS B 150 -6.08 13.41 -7.28
C LYS B 150 -6.98 14.52 -6.75
N PRO B 151 -6.77 15.76 -7.20
CA PRO B 151 -7.62 16.89 -6.80
C PRO B 151 -9.08 16.65 -7.22
#